data_5WTQ
#
_entry.id   5WTQ
#
_cell.length_a   72.548
_cell.length_b   152.779
_cell.length_c   212.911
_cell.angle_alpha   90.00
_cell.angle_beta   90.00
_cell.angle_gamma   90.00
#
_symmetry.space_group_name_H-M   'F 2 2 2'
#
loop_
_entity.id
_entity.type
_entity.pdbx_description
1 polymer 'Proteasome assembly chaperone 4'
2 non-polymer 'NICKEL (II) ION'
3 non-polymer 'CHLORIDE ION'
4 water water
#
_entity_poly.entity_id   1
_entity_poly.type   'polypeptide(L)'
_entity_poly.pdbx_seq_one_letter_code
;GSHMEGLVVAAGGDVSLHNFSARLWEQLVHFHVMRLTDSLFLWVGATPHLRNLAVAMSSRYDSIPVSTSLLGDTSDTTST
GLAQRLARKTNKQVFVSYNLQNTDSNFALLVENRIKEEMEAFPEKF
;
_entity_poly.pdbx_strand_id   A,B,C,D
#
loop_
_chem_comp.id
_chem_comp.type
_chem_comp.name
_chem_comp.formula
CL non-polymer 'CHLORIDE ION' 'Cl -1'
NI non-polymer 'NICKEL (II) ION' 'Ni 2'
#
# COMPACT_ATOMS: atom_id res chain seq x y z
N GLY A 13 -0.64 -4.10 3.61
CA GLY A 13 -1.31 -3.98 2.23
C GLY A 13 -1.78 -5.34 1.68
N ASP A 14 -0.83 -6.27 1.68
CA ASP A 14 -1.04 -7.70 1.33
C ASP A 14 -1.85 -8.48 2.42
N VAL A 15 -3.12 -8.76 2.11
CA VAL A 15 -4.08 -9.46 2.98
C VAL A 15 -3.95 -11.00 2.92
N SER A 16 -3.87 -11.68 4.09
CA SER A 16 -4.10 -13.12 4.17
C SER A 16 -5.26 -13.44 5.13
N LEU A 17 -6.01 -14.47 4.82
CA LEU A 17 -7.16 -14.91 5.56
C LEU A 17 -6.97 -16.27 6.15
N HIS A 18 -7.56 -16.53 7.32
CA HIS A 18 -7.55 -17.86 7.92
C HIS A 18 -8.82 -18.05 8.71
N ASN A 19 -9.26 -19.28 8.87
CA ASN A 19 -10.33 -19.57 9.80
C ASN A 19 -10.07 -20.86 10.50
N PHE A 20 -10.72 -21.06 11.64
CA PHE A 20 -10.59 -22.31 12.40
C PHE A 20 -11.76 -22.40 13.32
N SER A 21 -12.03 -23.58 13.85
CA SER A 21 -13.12 -23.80 14.75
C SER A 21 -12.68 -24.63 15.97
N ALA A 22 -13.44 -24.58 17.03
CA ALA A 22 -13.09 -25.32 18.28
C ALA A 22 -14.35 -25.60 19.07
N ARG A 23 -14.41 -26.75 19.71
CA ARG A 23 -15.46 -27.03 20.68
C ARG A 23 -15.02 -26.50 22.05
N LEU A 24 -15.77 -25.52 22.58
CA LEU A 24 -15.44 -24.89 23.85
C LEU A 24 -16.73 -24.90 24.69
N TRP A 25 -16.65 -25.44 25.92
CA TRP A 25 -17.85 -25.85 26.68
C TRP A 25 -18.71 -26.67 25.76
N GLU A 26 -20.00 -26.39 25.63
CA GLU A 26 -20.77 -27.32 24.80
C GLU A 26 -21.11 -26.71 23.44
N GLN A 27 -20.23 -25.84 22.94
CA GLN A 27 -20.55 -25.07 21.74
C GLN A 27 -19.42 -25.00 20.77
N LEU A 28 -19.78 -25.03 19.47
CA LEU A 28 -18.80 -24.86 18.43
C LEU A 28 -18.52 -23.37 18.27
N VAL A 29 -17.29 -22.96 18.50
CA VAL A 29 -16.87 -21.61 18.30
C VAL A 29 -16.08 -21.50 17.02
N HIS A 30 -16.37 -20.45 16.28
CA HIS A 30 -15.77 -20.24 14.93
C HIS A 30 -14.96 -19.00 14.93
N PHE A 31 -13.80 -19.08 14.31
CA PHE A 31 -12.84 -17.95 14.29
C PHE A 31 -12.47 -17.58 12.88
N HIS A 32 -12.44 -16.28 12.57
CA HIS A 32 -11.92 -15.81 11.31
C HIS A 32 -10.81 -14.82 11.59
N VAL A 33 -9.80 -14.81 10.75
CA VAL A 33 -8.65 -13.95 10.87
C VAL A 33 -8.39 -13.25 9.60
N MET A 34 -8.03 -11.97 9.67
CA MET A 34 -7.45 -11.25 8.56
C MET A 34 -6.14 -10.68 9.03
N ARG A 35 -5.07 -10.97 8.29
CA ARG A 35 -3.73 -10.51 8.62
C ARG A 35 -3.30 -9.53 7.55
N LEU A 36 -3.01 -8.31 7.97
CA LEU A 36 -2.13 -7.37 7.25
C LEU A 36 -0.79 -7.30 7.98
N THR A 37 0.22 -6.61 7.45
CA THR A 37 1.55 -6.59 8.11
C THR A 37 1.53 -5.93 9.50
N ASP A 38 0.81 -4.83 9.59
CA ASP A 38 0.73 -3.99 10.78
C ASP A 38 -0.63 -4.09 11.51
N SER A 39 -1.58 -4.90 10.99
CA SER A 39 -2.89 -5.01 11.61
C SER A 39 -3.40 -6.45 11.57
N LEU A 40 -4.18 -6.84 12.56
CA LEU A 40 -4.81 -8.12 12.57
C LEU A 40 -6.30 -7.93 12.93
N PHE A 41 -7.19 -8.65 12.25
CA PHE A 41 -8.62 -8.68 12.61
C PHE A 41 -8.98 -10.06 13.06
N LEU A 42 -9.50 -10.19 14.29
CA LEU A 42 -10.01 -11.44 14.80
C LEU A 42 -11.49 -11.39 15.04
N TRP A 43 -12.21 -12.34 14.48
CA TRP A 43 -13.64 -12.42 14.55
C TRP A 43 -13.92 -13.71 15.22
N VAL A 44 -14.78 -13.68 16.23
CA VAL A 44 -15.24 -14.82 16.93
C VAL A 44 -16.70 -14.93 16.88
N GLY A 45 -17.21 -16.12 16.59
CA GLY A 45 -18.67 -16.29 16.50
C GLY A 45 -19.06 -17.70 16.26
N ALA A 46 -20.19 -17.87 15.59
CA ALA A 46 -20.78 -19.13 15.31
C ALA A 46 -20.63 -19.42 13.85
N THR A 47 -20.92 -20.65 13.49
CA THR A 47 -21.00 -21.05 12.10
C THR A 47 -22.25 -21.87 11.90
N PRO A 48 -23.03 -21.63 10.84
CA PRO A 48 -22.75 -20.63 9.78
C PRO A 48 -23.01 -19.18 10.27
N HIS A 49 -22.53 -18.23 9.47
CA HIS A 49 -22.62 -16.82 9.85
C HIS A 49 -22.70 -16.02 8.57
N LEU A 50 -23.08 -14.78 8.78
CA LEU A 50 -23.13 -13.83 7.68
C LEU A 50 -21.75 -13.42 7.30
N ARG A 51 -21.65 -13.03 6.00
CA ARG A 51 -20.37 -12.66 5.43
C ARG A 51 -20.38 -11.19 4.98
N ASN A 52 -20.58 -10.31 5.95
CA ASN A 52 -20.94 -8.93 5.73
C ASN A 52 -19.85 -7.97 6.15
N LEU A 53 -18.62 -8.43 6.19
CA LEU A 53 -17.50 -7.66 6.66
C LEU A 53 -16.41 -7.66 5.63
N ALA A 54 -15.99 -6.48 5.24
CA ALA A 54 -15.04 -6.32 4.14
C ALA A 54 -14.04 -5.28 4.43
N VAL A 55 -12.91 -5.38 3.77
CA VAL A 55 -11.91 -4.34 3.78
C VAL A 55 -11.48 -4.05 2.34
N ALA A 56 -11.22 -2.79 2.06
CA ALA A 56 -10.64 -2.41 0.78
C ALA A 56 -9.43 -1.52 1.00
N MET A 57 -8.47 -1.59 0.08
CA MET A 57 -7.38 -0.62 0.03
C MET A 57 -7.00 -0.32 -1.44
N SER A 58 -6.76 0.98 -1.63
CA SER A 58 -6.17 1.57 -2.83
C SER A 58 -4.96 0.75 -3.17
N SER A 59 -4.97 0.23 -4.40
CA SER A 59 -3.82 -0.44 -5.00
C SER A 59 -3.02 0.73 -5.55
N ARG A 60 -1.71 0.66 -5.50
CA ARG A 60 -0.95 1.71 -6.23
C ARG A 60 -0.86 1.43 -7.74
N TYR A 61 -1.26 0.24 -8.20
CA TYR A 61 -1.13 -0.10 -9.62
C TYR A 61 -2.36 0.36 -10.41
N ASP A 62 -3.56 0.12 -9.85
CA ASP A 62 -4.87 0.39 -10.47
C ASP A 62 -5.58 1.52 -9.71
N SER A 63 -6.50 2.22 -10.36
CA SER A 63 -7.29 3.17 -9.65
C SER A 63 -8.38 2.46 -8.89
N ILE A 64 -8.59 1.14 -9.07
CA ILE A 64 -9.73 0.48 -8.39
C ILE A 64 -9.21 -0.23 -7.11
N PRO A 65 -9.73 0.13 -5.92
CA PRO A 65 -9.27 -0.53 -4.68
C PRO A 65 -9.64 -2.00 -4.69
N VAL A 66 -8.74 -2.83 -4.15
CA VAL A 66 -9.06 -4.25 -4.00
C VAL A 66 -9.80 -4.49 -2.66
N SER A 67 -10.98 -5.07 -2.77
CA SER A 67 -11.88 -5.30 -1.68
C SER A 67 -11.88 -6.76 -1.36
N THR A 68 -11.81 -7.12 -0.10
CA THR A 68 -11.83 -8.54 0.31
C THR A 68 -12.92 -8.78 1.33
N SER A 69 -13.67 -9.86 1.20
CA SER A 69 -14.63 -10.28 2.22
C SER A 69 -13.86 -11.00 3.32
N LEU A 70 -13.86 -10.52 4.56
CA LEU A 70 -13.02 -11.10 5.59
C LEU A 70 -13.55 -12.39 6.16
N LEU A 71 -14.83 -12.65 5.97
CA LEU A 71 -15.54 -13.73 6.55
C LEU A 71 -15.87 -14.88 5.59
N GLY A 72 -15.25 -14.88 4.42
CA GLY A 72 -15.41 -15.91 3.43
C GLY A 72 -16.06 -15.36 2.17
N ASP A 73 -15.80 -16.03 1.07
CA ASP A 73 -16.28 -15.53 -0.24
C ASP A 73 -17.75 -15.47 -0.25
N THR A 74 -18.28 -14.43 -0.88
CA THR A 74 -19.72 -14.29 -1.08
C THR A 74 -19.96 -13.61 -2.43
N SER A 75 -21.12 -13.86 -3.00
CA SER A 75 -21.54 -13.20 -4.23
C SER A 75 -22.23 -11.87 -3.95
N ASP A 76 -22.84 -11.69 -2.76
CA ASP A 76 -23.34 -10.38 -2.26
C ASP A 76 -22.19 -9.35 -2.16
N THR A 77 -22.24 -8.32 -2.98
CA THR A 77 -21.21 -7.34 -3.01
C THR A 77 -21.53 -6.09 -2.15
N THR A 78 -22.57 -6.08 -1.31
CA THR A 78 -22.89 -4.87 -0.59
C THR A 78 -21.70 -4.32 0.22
N SER A 79 -21.08 -5.17 1.04
CA SER A 79 -20.05 -4.67 1.95
C SER A 79 -18.77 -4.44 1.12
N THR A 80 -18.41 -5.40 0.26
CA THR A 80 -17.19 -5.25 -0.54
C THR A 80 -17.31 -4.06 -1.47
N GLY A 81 -18.46 -3.84 -2.03
CA GLY A 81 -18.68 -2.71 -2.95
C GLY A 81 -18.61 -1.39 -2.24
N LEU A 82 -19.28 -1.28 -1.13
CA LEU A 82 -19.20 -0.07 -0.32
C LEU A 82 -17.80 0.24 0.10
N ALA A 83 -17.07 -0.77 0.62
CA ALA A 83 -15.72 -0.54 1.07
C ALA A 83 -14.86 -0.02 -0.09
N GLN A 84 -15.00 -0.65 -1.23
CA GLN A 84 -14.22 -0.26 -2.42
C GLN A 84 -14.48 1.18 -2.83
N ARG A 85 -15.73 1.58 -2.87
CA ARG A 85 -16.08 2.91 -3.28
C ARG A 85 -15.61 3.93 -2.24
N LEU A 86 -15.72 3.63 -0.94
CA LEU A 86 -15.22 4.54 0.09
C LEU A 86 -13.72 4.59 0.15
N ALA A 87 -13.03 3.48 -0.13
CA ALA A 87 -11.59 3.50 -0.19
C ALA A 87 -11.06 4.35 -1.37
N ARG A 88 -11.82 4.35 -2.46
CA ARG A 88 -11.53 5.15 -3.65
C ARG A 88 -11.64 6.62 -3.22
N LYS A 89 -12.76 6.98 -2.61
CA LYS A 89 -13.03 8.35 -2.24
C LYS A 89 -12.07 8.90 -1.20
N THR A 90 -11.67 8.11 -0.21
CA THR A 90 -10.87 8.61 0.92
C THR A 90 -9.40 8.33 0.77
N ASN A 91 -9.00 7.49 -0.20
CA ASN A 91 -7.60 7.11 -0.32
C ASN A 91 -6.98 6.49 0.93
N LYS A 92 -7.76 5.73 1.70
CA LYS A 92 -7.25 4.97 2.82
C LYS A 92 -7.88 3.59 2.85
N GLN A 93 -7.35 2.76 3.72
CA GLN A 93 -7.91 1.44 4.00
C GLN A 93 -9.27 1.59 4.69
N VAL A 94 -10.31 0.95 4.16
CA VAL A 94 -11.66 1.10 4.68
C VAL A 94 -12.23 -0.29 5.00
N PHE A 95 -12.62 -0.50 6.25
CA PHE A 95 -13.40 -1.67 6.67
C PHE A 95 -14.85 -1.27 6.65
N VAL A 96 -15.73 -2.16 6.20
CA VAL A 96 -17.17 -1.97 6.30
C VAL A 96 -17.76 -3.21 6.96
N SER A 97 -18.55 -2.99 7.99
CA SER A 97 -19.32 -4.02 8.65
C SER A 97 -20.73 -3.66 8.41
N TYR A 98 -21.41 -4.44 7.59
CA TYR A 98 -22.76 -4.03 7.06
C TYR A 98 -23.78 -4.91 7.69
N ASN A 99 -24.47 -4.45 8.71
CA ASN A 99 -25.30 -5.29 9.53
C ASN A 99 -26.76 -4.97 9.39
N LEU A 100 -27.22 -4.84 8.15
CA LEU A 100 -28.61 -4.57 7.96
C LEU A 100 -29.25 -5.69 7.23
N GLN A 101 -30.46 -5.93 7.69
CA GLN A 101 -31.33 -6.96 7.22
C GLN A 101 -31.73 -6.75 5.78
N ASN A 102 -32.17 -5.51 5.62
CA ASN A 102 -32.77 -5.03 4.39
C ASN A 102 -31.62 -4.91 3.39
N THR A 103 -31.66 -5.83 2.42
CA THR A 103 -30.69 -5.88 1.36
C THR A 103 -31.33 -5.47 0.01
N ASP A 104 -32.49 -4.79 0.02
CA ASP A 104 -33.01 -4.18 -1.19
C ASP A 104 -31.93 -3.24 -1.77
N SER A 105 -31.67 -3.30 -3.08
CA SER A 105 -30.55 -2.54 -3.63
C SER A 105 -30.78 -1.01 -3.52
N ASN A 106 -32.05 -0.60 -3.55
CA ASN A 106 -32.35 0.80 -3.42
C ASN A 106 -32.15 1.28 -2.00
N PHE A 107 -32.45 0.45 -1.00
CA PHE A 107 -32.16 0.78 0.36
C PHE A 107 -30.66 0.98 0.56
N ALA A 108 -29.87 0.11 -0.04
CA ALA A 108 -28.40 0.23 0.08
C ALA A 108 -27.85 1.54 -0.53
N LEU A 109 -28.51 1.96 -1.60
CA LEU A 109 -28.17 3.24 -2.22
C LEU A 109 -28.47 4.44 -1.27
N LEU A 110 -29.64 4.38 -0.61
CA LEU A 110 -29.99 5.36 0.39
C LEU A 110 -28.94 5.41 1.52
N VAL A 111 -28.47 4.24 1.95
CA VAL A 111 -27.47 4.12 2.99
C VAL A 111 -26.13 4.74 2.53
N GLU A 112 -25.71 4.37 1.34
CA GLU A 112 -24.49 4.86 0.78
C GLU A 112 -24.51 6.41 0.62
N ASN A 113 -25.63 6.89 0.13
CA ASN A 113 -25.83 8.36 0.01
C ASN A 113 -25.73 9.07 1.34
N ARG A 114 -26.30 8.50 2.37
CA ARG A 114 -26.22 9.07 3.70
C ARG A 114 -24.82 9.14 4.22
N ILE A 115 -24.02 8.12 3.95
CA ILE A 115 -22.63 8.12 4.32
C ILE A 115 -21.86 9.24 3.60
N LYS A 116 -22.09 9.33 2.29
CA LYS A 116 -21.43 10.37 1.54
C LYS A 116 -21.79 11.78 2.02
N GLU A 117 -23.07 11.99 2.36
CA GLU A 117 -23.51 13.23 3.02
C GLU A 117 -22.76 13.58 4.28
N GLU A 118 -22.52 12.58 5.10
CA GLU A 118 -21.77 12.78 6.34
C GLU A 118 -20.33 13.12 6.06
N MET A 119 -19.75 12.49 5.06
CA MET A 119 -18.38 12.78 4.69
C MET A 119 -18.22 14.22 4.16
N GLU A 120 -19.25 14.73 3.47
CA GLU A 120 -19.25 16.11 2.95
C GLU A 120 -19.39 17.10 4.08
N ALA A 121 -20.25 16.79 5.02
CA ALA A 121 -20.48 17.68 6.16
C ALA A 121 -19.36 17.65 7.16
N PHE A 122 -18.74 16.49 7.39
CA PHE A 122 -17.71 16.36 8.45
C PHE A 122 -16.51 15.61 7.95
N PRO A 123 -15.80 16.19 6.97
CA PRO A 123 -14.67 15.46 6.39
C PRO A 123 -13.59 15.09 7.41
N GLU A 124 -13.46 15.85 8.47
CA GLU A 124 -12.46 15.61 9.49
C GLU A 124 -12.76 14.35 10.32
N LYS A 125 -14.02 13.90 10.35
CA LYS A 125 -14.40 12.66 11.02
C LYS A 125 -14.09 11.37 10.23
N PHE A 126 -13.59 11.51 9.01
CA PHE A 126 -13.28 10.39 8.16
C PHE A 126 -11.82 10.50 7.68
N VAL B 15 -6.90 7.61 17.53
CA VAL B 15 -8.31 7.10 17.27
C VAL B 15 -9.35 8.19 17.50
N SER B 16 -10.21 8.45 16.51
CA SER B 16 -11.38 9.34 16.64
C SER B 16 -12.65 8.59 16.27
N LEU B 17 -13.68 8.77 17.10
CA LEU B 17 -14.92 8.05 16.96
C LEU B 17 -16.05 9.01 16.61
N HIS B 18 -16.99 8.54 15.80
CA HIS B 18 -18.17 9.34 15.43
C HIS B 18 -19.32 8.38 15.22
N ASN B 19 -20.52 8.84 15.49
CA ASN B 19 -21.69 8.07 15.12
C ASN B 19 -22.75 9.00 14.62
N PHE B 20 -23.67 8.45 13.87
CA PHE B 20 -24.79 9.24 13.34
C PHE B 20 -25.88 8.27 12.97
N SER B 21 -27.07 8.82 12.85
CA SER B 21 -28.22 8.05 12.47
C SER B 21 -28.97 8.77 11.35
N ALA B 22 -29.75 7.98 10.60
CA ALA B 22 -30.60 8.55 9.57
C ALA B 22 -31.88 7.78 9.47
N ARG B 23 -32.96 8.53 9.19
CA ARG B 23 -34.26 7.94 8.99
C ARG B 23 -34.39 7.65 7.52
N LEU B 24 -34.38 6.38 7.15
CA LEU B 24 -34.35 5.95 5.77
C LEU B 24 -35.44 4.86 5.66
N TRP B 25 -36.41 5.11 4.78
CA TRP B 25 -37.67 4.31 4.73
C TRP B 25 -38.22 4.30 6.15
N GLU B 26 -38.58 3.17 6.71
CA GLU B 26 -39.20 3.23 8.01
C GLU B 26 -38.29 2.70 9.08
N GLN B 27 -36.98 2.98 8.91
CA GLN B 27 -36.02 2.57 9.91
C GLN B 27 -35.10 3.74 10.26
N LEU B 28 -34.66 3.75 11.54
CA LEU B 28 -33.41 4.31 11.85
C LEU B 28 -32.30 3.36 11.37
N VAL B 29 -31.44 3.91 10.52
CA VAL B 29 -30.18 3.31 10.22
C VAL B 29 -29.12 4.03 11.04
N HIS B 30 -28.21 3.23 11.58
CA HIS B 30 -27.25 3.73 12.57
C HIS B 30 -25.86 3.44 12.05
N PHE B 31 -24.95 4.41 12.24
CA PHE B 31 -23.64 4.38 11.74
C PHE B 31 -22.64 4.64 12.82
N HIS B 32 -21.56 3.86 12.88
CA HIS B 32 -20.44 4.14 13.76
C HIS B 32 -19.18 4.21 12.90
N VAL B 33 -18.31 5.14 13.26
CA VAL B 33 -17.11 5.41 12.48
C VAL B 33 -15.93 5.39 13.44
N MET B 34 -14.85 4.76 13.02
CA MET B 34 -13.59 4.90 13.68
C MET B 34 -12.58 5.37 12.65
N ARG B 35 -11.89 6.46 12.96
CA ARG B 35 -10.89 7.04 12.09
C ARG B 35 -9.54 6.85 12.80
N LEU B 36 -8.65 6.12 12.13
CA LEU B 36 -7.19 6.23 12.32
C LEU B 36 -6.60 7.04 11.17
N THR B 37 -5.32 7.40 11.26
CA THR B 37 -4.69 8.24 10.20
C THR B 37 -4.68 7.54 8.82
N ASP B 38 -4.39 6.26 8.84
CA ASP B 38 -4.25 5.35 7.73
C ASP B 38 -5.51 4.52 7.32
N SER B 39 -6.49 4.47 8.22
CA SER B 39 -7.58 3.50 8.11
C SER B 39 -8.87 4.08 8.65
N LEU B 40 -9.98 3.60 8.12
CA LEU B 40 -11.28 3.98 8.54
C LEU B 40 -12.12 2.71 8.74
N PHE B 41 -12.91 2.64 9.81
CA PHE B 41 -13.85 1.54 10.04
C PHE B 41 -15.24 2.11 10.04
N LEU B 42 -16.11 1.58 9.15
CA LEU B 42 -17.50 1.98 9.09
C LEU B 42 -18.38 0.81 9.44
N TRP B 43 -19.27 1.03 10.40
CA TRP B 43 -20.19 0.06 10.89
C TRP B 43 -21.54 0.61 10.56
N VAL B 44 -22.37 -0.24 9.94
CA VAL B 44 -23.73 0.13 9.63
C VAL B 44 -24.67 -0.87 10.26
N GLY B 45 -25.73 -0.39 10.87
CA GLY B 45 -26.70 -1.26 11.50
C GLY B 45 -27.87 -0.56 12.10
N ALA B 46 -28.43 -1.17 13.12
CA ALA B 46 -29.60 -0.65 13.81
C ALA B 46 -29.19 -0.09 15.13
N THR B 47 -30.08 0.68 15.71
CA THR B 47 -29.89 1.17 17.08
C THR B 47 -31.13 0.91 17.89
N PRO B 48 -31.00 0.41 19.11
CA PRO B 48 -29.74 0.05 19.78
C PRO B 48 -29.11 -1.22 19.22
N HIS B 49 -27.85 -1.46 19.56
CA HIS B 49 -27.06 -2.54 19.02
C HIS B 49 -26.06 -3.00 20.07
N LEU B 50 -25.49 -4.14 19.80
CA LEU B 50 -24.42 -4.68 20.61
C LEU B 50 -23.14 -3.92 20.38
N ARG B 51 -22.29 -3.93 21.38
CA ARG B 51 -21.10 -3.10 21.43
C ARG B 51 -19.79 -3.84 21.56
N ASN B 52 -19.66 -4.99 20.92
CA ASN B 52 -18.53 -5.90 21.19
C ASN B 52 -17.48 -5.97 20.08
N LEU B 53 -17.01 -4.81 19.75
CA LEU B 53 -16.01 -4.56 18.75
C LEU B 53 -15.01 -3.61 19.34
N ALA B 54 -13.72 -4.00 19.29
CA ALA B 54 -12.68 -3.20 19.84
C ALA B 54 -11.45 -3.26 19.00
N VAL B 55 -10.58 -2.31 19.23
CA VAL B 55 -9.23 -2.36 18.69
C VAL B 55 -8.23 -2.02 19.81
N ALA B 56 -7.08 -2.66 19.75
CA ALA B 56 -5.99 -2.35 20.66
C ALA B 56 -4.72 -2.07 19.87
N MET B 57 -3.93 -1.14 20.36
CA MET B 57 -2.58 -0.88 19.78
C MET B 57 -1.67 -0.28 20.89
N SER B 58 -0.36 -0.17 20.73
CA SER B 58 0.42 0.57 21.78
C SER B 58 0.76 2.01 21.41
N ILE B 64 2.12 -1.26 27.69
CA ILE B 64 1.00 -2.10 27.33
C ILE B 64 0.07 -1.50 26.26
N PRO B 65 -0.50 -2.36 25.45
CA PRO B 65 -1.49 -1.85 24.45
C PRO B 65 -2.76 -1.31 25.13
N VAL B 66 -3.32 -0.27 24.59
CA VAL B 66 -4.59 0.26 25.07
C VAL B 66 -5.69 -0.04 24.03
N SER B 67 -6.82 -0.43 24.57
CA SER B 67 -7.95 -0.98 23.87
C SER B 67 -9.03 0.08 23.83
N THR B 68 -9.68 0.25 22.69
CA THR B 68 -10.83 1.17 22.59
C THR B 68 -12.04 0.43 22.04
N SER B 69 -13.21 0.68 22.60
CA SER B 69 -14.46 0.15 22.08
C SER B 69 -14.90 0.99 20.89
N LEU B 70 -15.17 0.35 19.78
CA LEU B 70 -15.48 1.14 18.56
C LEU B 70 -16.94 1.50 18.48
N LEU B 71 -17.79 0.83 19.20
CA LEU B 71 -19.22 0.93 19.07
C LEU B 71 -19.92 1.57 20.26
N GLY B 72 -19.16 2.28 21.07
CA GLY B 72 -19.65 3.00 22.24
C GLY B 72 -19.19 2.35 23.54
N ASP B 73 -19.08 3.16 24.57
CA ASP B 73 -18.56 2.72 25.86
C ASP B 73 -19.42 1.57 26.39
N THR B 74 -18.77 0.60 27.01
CA THR B 74 -19.45 -0.51 27.60
C THR B 74 -18.70 -0.97 28.85
N SER B 75 -19.41 -1.60 29.76
CA SER B 75 -18.80 -2.21 30.93
C SER B 75 -18.31 -3.65 30.64
N ASP B 76 -18.93 -4.35 29.68
CA ASP B 76 -18.47 -5.62 29.08
C ASP B 76 -17.06 -5.46 28.46
N THR B 77 -16.09 -6.13 29.05
CA THR B 77 -14.73 -6.05 28.59
C THR B 77 -14.34 -7.21 27.65
N THR B 78 -15.27 -8.00 27.10
CA THR B 78 -14.84 -9.20 26.40
C THR B 78 -13.94 -8.88 25.21
N SER B 79 -14.41 -8.00 24.33
CA SER B 79 -13.63 -7.70 23.16
C SER B 79 -12.49 -6.79 23.48
N THR B 80 -12.66 -5.79 24.34
CA THR B 80 -11.53 -4.92 24.71
C THR B 80 -10.42 -5.71 25.40
N GLY B 81 -10.81 -6.67 26.24
CA GLY B 81 -9.86 -7.53 26.94
C GLY B 81 -9.08 -8.40 25.98
N LEU B 82 -9.83 -9.08 25.13
CA LEU B 82 -9.22 -9.95 24.13
C LEU B 82 -8.27 -9.21 23.24
N ALA B 83 -8.69 -8.04 22.75
CA ALA B 83 -7.87 -7.26 21.84
C ALA B 83 -6.58 -6.90 22.50
N GLN B 84 -6.69 -6.42 23.72
CA GLN B 84 -5.51 -6.00 24.48
C GLN B 84 -4.52 -7.14 24.68
N ARG B 85 -5.00 -8.30 25.06
CA ARG B 85 -4.15 -9.46 25.27
C ARG B 85 -3.48 -9.93 23.98
N LEU B 86 -4.24 -9.94 22.88
CA LEU B 86 -3.66 -10.36 21.57
C LEU B 86 -2.73 -9.33 21.00
N ALA B 87 -2.99 -8.04 21.24
CA ALA B 87 -2.06 -7.00 20.82
C ALA B 87 -0.73 -7.06 21.58
N ARG B 88 -0.81 -7.49 22.84
CA ARG B 88 0.37 -7.67 23.71
C ARG B 88 1.19 -8.79 23.09
N LYS B 89 0.54 -9.92 22.81
CA LYS B 89 1.24 -11.08 22.33
C LYS B 89 1.87 -10.85 20.92
N THR B 90 1.18 -10.16 20.04
CA THR B 90 1.62 -10.03 18.65
C THR B 90 2.36 -8.76 18.35
N ASN B 91 2.33 -7.79 19.26
CA ASN B 91 2.94 -6.48 19.00
C ASN B 91 2.44 -5.78 17.74
N LYS B 92 1.15 -5.92 17.42
CA LYS B 92 0.55 -5.17 16.31
C LYS B 92 -0.84 -4.67 16.73
N GLN B 93 -1.43 -3.85 15.87
CA GLN B 93 -2.81 -3.37 16.04
C GLN B 93 -3.76 -4.55 15.86
N VAL B 94 -4.66 -4.79 16.81
CA VAL B 94 -5.54 -5.94 16.77
C VAL B 94 -6.99 -5.49 16.95
N PHE B 95 -7.86 -5.80 15.98
CA PHE B 95 -9.31 -5.63 16.13
C PHE B 95 -9.87 -6.95 16.61
N VAL B 96 -10.87 -6.91 17.50
CA VAL B 96 -11.60 -8.07 17.92
C VAL B 96 -13.07 -7.79 17.79
N SER B 97 -13.79 -8.68 17.09
CA SER B 97 -15.20 -8.64 16.97
C SER B 97 -15.69 -9.88 17.67
N TYR B 98 -16.39 -9.72 18.78
CA TYR B 98 -16.81 -10.84 19.62
C TYR B 98 -18.31 -11.05 19.48
N ASN B 99 -18.67 -12.10 18.77
CA ASN B 99 -20.04 -12.36 18.39
C ASN B 99 -20.64 -13.54 19.03
N LEU B 100 -20.48 -13.68 20.33
CA LEU B 100 -21.17 -14.72 21.05
C LEU B 100 -21.87 -14.09 22.22
N GLN B 101 -22.94 -14.75 22.64
CA GLN B 101 -23.75 -14.28 23.81
C GLN B 101 -22.97 -14.56 25.08
N ASN B 102 -22.30 -15.71 25.12
CA ASN B 102 -21.57 -16.14 26.29
C ASN B 102 -20.35 -15.26 26.49
N THR B 103 -20.43 -14.39 27.48
CA THR B 103 -19.34 -13.53 27.88
C THR B 103 -18.79 -13.93 29.29
N ASP B 104 -19.07 -15.15 29.73
CA ASP B 104 -18.53 -15.67 31.00
C ASP B 104 -17.00 -15.60 30.94
N SER B 105 -16.37 -15.10 32.00
CA SER B 105 -14.91 -14.84 31.90
C SER B 105 -14.09 -16.10 31.76
N ASN B 106 -14.58 -17.21 32.24
CA ASN B 106 -13.86 -18.49 32.06
C ASN B 106 -13.94 -18.94 30.60
N PHE B 107 -15.13 -18.80 30.02
CA PHE B 107 -15.32 -19.12 28.61
C PHE B 107 -14.42 -18.24 27.77
N ALA B 108 -14.33 -16.94 28.11
CA ALA B 108 -13.53 -15.99 27.37
C ALA B 108 -12.06 -16.34 27.36
N LEU B 109 -11.60 -16.88 28.48
CA LEU B 109 -10.23 -17.35 28.57
C LEU B 109 -9.99 -18.57 27.68
N LEU B 110 -10.92 -19.49 27.65
CA LEU B 110 -10.87 -20.61 26.70
C LEU B 110 -10.77 -20.14 25.25
N VAL B 111 -11.53 -19.10 24.92
CA VAL B 111 -11.51 -18.48 23.56
C VAL B 111 -10.13 -17.87 23.30
N GLU B 112 -9.64 -17.10 24.23
CA GLU B 112 -8.36 -16.47 24.10
C GLU B 112 -7.21 -17.51 23.92
N ASN B 113 -7.26 -18.55 24.75
CA ASN B 113 -6.30 -19.61 24.68
C ASN B 113 -6.29 -20.32 23.34
N ARG B 114 -7.47 -20.55 22.77
CA ARG B 114 -7.57 -21.20 21.48
C ARG B 114 -6.94 -20.37 20.40
N ILE B 115 -7.14 -19.04 20.46
CA ILE B 115 -6.53 -18.13 19.51
C ILE B 115 -5.00 -18.19 19.64
N LYS B 116 -4.51 -18.10 20.87
CA LYS B 116 -3.09 -18.12 21.09
C LYS B 116 -2.45 -19.43 20.59
N GLU B 117 -3.11 -20.58 20.81
CA GLU B 117 -2.66 -21.84 20.24
C GLU B 117 -2.52 -21.82 18.72
N GLU B 118 -3.47 -21.18 18.05
CA GLU B 118 -3.40 -21.03 16.59
C GLU B 118 -2.26 -20.13 16.18
N MET B 119 -2.02 -19.08 16.97
CA MET B 119 -0.92 -18.18 16.67
C MET B 119 0.46 -18.87 16.79
N GLU B 120 0.56 -19.79 17.74
CA GLU B 120 1.80 -20.56 17.96
C GLU B 120 1.99 -21.57 16.84
N ALA B 121 0.91 -22.22 16.44
CA ALA B 121 0.98 -23.21 15.40
C ALA B 121 1.17 -22.59 14.01
N PHE B 122 0.59 -21.42 13.73
CA PHE B 122 0.66 -20.82 12.40
C PHE B 122 1.02 -19.35 12.45
N PRO B 123 2.24 -19.04 12.93
CA PRO B 123 2.59 -17.62 13.15
C PRO B 123 2.51 -16.75 11.92
N GLU B 124 2.71 -17.33 10.74
CA GLU B 124 2.66 -16.54 9.52
C GLU B 124 1.22 -16.11 9.16
N LYS B 125 0.21 -16.78 9.73
CA LYS B 125 -1.20 -16.37 9.52
C LYS B 125 -1.67 -15.19 10.38
N PHE B 126 -0.80 -14.71 11.27
CA PHE B 126 -1.10 -13.63 12.18
C PHE B 126 -0.07 -12.53 12.07
N ASP C 14 3.76 8.56 -0.57
CA ASP C 14 2.44 8.04 -1.01
C ASP C 14 2.25 8.04 -2.58
N VAL C 15 2.40 6.85 -3.16
CA VAL C 15 2.74 6.64 -4.59
C VAL C 15 1.52 6.61 -5.52
N SER C 16 1.54 7.39 -6.61
CA SER C 16 0.58 7.25 -7.72
C SER C 16 1.29 6.98 -9.04
N LEU C 17 0.73 6.08 -9.86
CA LEU C 17 1.36 5.70 -11.14
C LEU C 17 0.51 6.13 -12.32
N HIS C 18 1.13 6.45 -13.45
CA HIS C 18 0.39 6.75 -14.68
C HIS C 18 1.23 6.35 -15.87
N ASN C 19 0.59 6.02 -16.97
CA ASN C 19 1.31 5.83 -18.21
C ASN C 19 0.54 6.35 -19.36
N PHE C 20 1.22 6.62 -20.47
CA PHE C 20 0.61 7.10 -21.70
C PHE C 20 1.55 6.85 -22.84
N SER C 21 1.03 6.83 -24.04
CA SER C 21 1.83 6.50 -25.21
C SER C 21 1.48 7.47 -26.36
N ALA C 22 2.44 7.71 -27.25
CA ALA C 22 2.23 8.65 -28.35
C ALA C 22 3.12 8.32 -29.51
N ARG C 23 2.60 8.49 -30.71
CA ARG C 23 3.41 8.42 -31.94
C ARG C 23 4.09 9.77 -32.19
N LEU C 24 5.41 9.76 -32.17
CA LEU C 24 6.23 10.96 -32.35
C LEU C 24 7.29 10.64 -33.43
N TRP C 25 7.30 11.45 -34.51
CA TRP C 25 7.94 11.05 -35.79
C TRP C 25 7.40 9.71 -36.15
N GLU C 26 8.21 8.70 -36.47
CA GLU C 26 7.50 7.48 -36.90
C GLU C 26 7.45 6.39 -35.82
N GLN C 27 7.56 6.80 -34.56
CA GLN C 27 7.89 5.86 -33.48
C GLN C 27 7.02 6.04 -32.27
N LEU C 28 6.61 4.88 -31.74
CA LEU C 28 5.72 4.84 -30.62
C LEU C 28 6.55 5.04 -29.35
N VAL C 29 6.31 6.10 -28.63
CA VAL C 29 7.00 6.42 -27.44
C VAL C 29 6.05 6.15 -26.27
N HIS C 30 6.60 5.53 -25.25
CA HIS C 30 5.82 5.08 -24.11
C HIS C 30 6.36 5.78 -22.88
N PHE C 31 5.45 6.27 -22.06
CA PHE C 31 5.81 7.08 -20.89
C PHE C 31 5.23 6.49 -19.63
N HIS C 32 6.04 6.44 -18.58
CA HIS C 32 5.61 6.02 -17.28
C HIS C 32 5.92 7.11 -16.29
N VAL C 33 5.03 7.28 -15.33
CA VAL C 33 5.15 8.32 -14.33
C VAL C 33 4.98 7.70 -12.99
N MET C 34 5.78 8.11 -12.02
CA MET C 34 5.53 7.85 -10.63
C MET C 34 5.53 9.19 -9.91
N ARG C 35 4.46 9.45 -9.17
CA ARG C 35 4.30 10.67 -8.39
C ARG C 35 4.37 10.31 -6.92
N LEU C 36 5.34 10.89 -6.24
CA LEU C 36 5.35 11.08 -4.77
C LEU C 36 5.04 12.58 -4.50
N THR C 37 4.85 12.99 -3.25
CA THR C 37 4.36 14.41 -3.02
C THR C 37 5.42 15.45 -3.41
N ASP C 38 6.66 15.16 -3.07
CA ASP C 38 7.82 16.04 -3.37
C ASP C 38 8.71 15.59 -4.53
N SER C 39 8.41 14.44 -5.14
CA SER C 39 9.25 13.89 -6.21
C SER C 39 8.41 13.32 -7.35
N LEU C 40 8.95 13.37 -8.54
CA LEU C 40 8.33 12.79 -9.69
C LEU C 40 9.36 11.97 -10.47
N PHE C 41 8.99 10.79 -10.96
CA PHE C 41 9.87 9.96 -11.79
C PHE C 41 9.21 9.84 -13.15
N LEU C 42 9.93 10.25 -14.21
CA LEU C 42 9.51 10.13 -15.56
C LEU C 42 10.39 9.16 -16.33
N TRP C 43 9.78 8.16 -16.94
CA TRP C 43 10.47 7.16 -17.69
C TRP C 43 9.93 7.28 -19.06
N VAL C 44 10.84 7.33 -20.04
CA VAL C 44 10.49 7.37 -21.44
C VAL C 44 11.14 6.19 -22.10
N GLY C 45 10.38 5.51 -22.96
CA GLY C 45 10.92 4.33 -23.61
C GLY C 45 9.95 3.74 -24.63
N ALA C 46 10.04 2.44 -24.80
CA ALA C 46 9.28 1.73 -25.79
C ALA C 46 8.35 0.82 -25.03
N THR C 47 7.38 0.32 -25.79
CA THR C 47 6.50 -0.74 -25.34
C THR C 47 6.57 -1.89 -26.38
N PRO C 48 6.69 -3.11 -25.93
CA PRO C 48 6.74 -3.54 -24.51
C PRO C 48 8.10 -3.23 -23.86
N HIS C 49 8.15 -3.30 -22.53
CA HIS C 49 9.33 -3.04 -21.79
C HIS C 49 9.36 -3.86 -20.52
N LEU C 50 10.53 -3.92 -19.94
CA LEU C 50 10.71 -4.60 -18.68
C LEU C 50 10.15 -3.74 -17.57
N ARG C 51 9.83 -4.38 -16.46
CA ARG C 51 9.31 -3.76 -15.26
C ARG C 51 10.25 -4.05 -14.07
N ASN C 52 11.43 -3.50 -14.19
CA ASN C 52 12.57 -3.84 -13.35
C ASN C 52 13.01 -2.70 -12.48
N LEU C 53 12.12 -1.75 -12.27
CA LEU C 53 12.42 -0.52 -11.56
C LEU C 53 11.42 -0.40 -10.42
N ALA C 54 11.93 -0.29 -9.22
CA ALA C 54 11.12 -0.34 -8.01
C ALA C 54 11.59 0.67 -7.03
N VAL C 55 10.65 1.09 -6.19
CA VAL C 55 10.99 1.89 -5.04
C VAL C 55 10.34 1.26 -3.81
N ALA C 56 11.06 1.31 -2.70
CA ALA C 56 10.52 0.90 -1.41
C ALA C 56 10.71 2.01 -0.38
N MET C 57 9.71 2.19 0.47
CA MET C 57 9.70 3.20 1.51
C MET C 57 8.74 2.77 2.62
N SER C 63 5.59 -0.49 9.13
CA SER C 63 6.83 -1.14 9.59
C SER C 63 7.78 -1.65 8.48
N ILE C 64 7.51 -2.87 8.02
CA ILE C 64 8.13 -3.38 6.78
C ILE C 64 7.91 -2.36 5.64
N PRO C 65 8.98 -1.96 4.92
CA PRO C 65 8.79 -0.99 3.82
C PRO C 65 7.96 -1.61 2.70
N VAL C 66 7.11 -0.82 2.08
CA VAL C 66 6.27 -1.20 0.97
C VAL C 66 6.96 -0.86 -0.36
N SER C 67 7.01 -1.84 -1.25
CA SER C 67 7.75 -1.78 -2.47
C SER C 67 6.76 -1.62 -3.60
N THR C 68 7.01 -0.71 -4.55
CA THR C 68 6.19 -0.58 -5.73
C THR C 68 6.99 -0.74 -7.01
N SER C 69 6.48 -1.49 -7.97
CA SER C 69 7.12 -1.58 -9.30
C SER C 69 6.69 -0.33 -10.08
N LEU C 70 7.57 0.59 -10.44
CA LEU C 70 7.18 1.87 -10.99
C LEU C 70 6.71 1.80 -12.41
N LEU C 71 7.03 0.71 -13.10
CA LEU C 71 6.69 0.56 -14.50
C LEU C 71 5.50 -0.41 -14.79
N GLY C 72 4.78 -0.72 -13.73
CA GLY C 72 3.56 -1.52 -13.75
C GLY C 72 3.77 -2.71 -12.85
N ASP C 73 2.68 -3.25 -12.35
CA ASP C 73 2.70 -4.44 -11.48
C ASP C 73 3.34 -5.58 -12.27
N THR C 74 4.14 -6.36 -11.56
CA THR C 74 4.86 -7.45 -12.20
C THR C 74 4.93 -8.66 -11.26
N SER C 75 5.00 -9.83 -11.87
CA SER C 75 5.10 -11.07 -11.09
C SER C 75 6.56 -11.40 -10.69
N ASP C 76 7.53 -10.95 -11.49
CA ASP C 76 8.97 -10.93 -11.12
C ASP C 76 9.20 -10.01 -9.93
N THR C 77 9.60 -10.55 -8.80
CA THR C 77 9.81 -9.75 -7.61
C THR C 77 11.29 -9.36 -7.41
N THR C 78 12.19 -9.54 -8.38
CA THR C 78 13.61 -9.28 -8.11
C THR C 78 13.86 -7.87 -7.68
N SER C 79 13.37 -6.87 -8.41
CA SER C 79 13.70 -5.51 -7.99
C SER C 79 12.86 -5.06 -6.87
N THR C 80 11.56 -5.41 -6.84
CA THR C 80 10.73 -5.03 -5.67
C THR C 80 11.28 -5.68 -4.38
N GLY C 81 11.72 -6.93 -4.49
CA GLY C 81 12.26 -7.64 -3.35
C GLY C 81 13.54 -7.04 -2.85
N LEU C 82 14.46 -6.81 -3.78
CA LEU C 82 15.71 -6.13 -3.43
C LEU C 82 15.49 -4.79 -2.79
N ALA C 83 14.61 -3.96 -3.38
CA ALA C 83 14.39 -2.63 -2.86
C ALA C 83 13.85 -2.73 -1.43
N GLN C 84 12.91 -3.62 -1.22
CA GLN C 84 12.30 -3.81 0.09
C GLN C 84 13.33 -4.21 1.14
N ARG C 85 14.18 -5.17 0.82
CA ARG C 85 15.19 -5.63 1.75
C ARG C 85 16.24 -4.56 2.02
N LEU C 86 16.64 -3.79 1.00
CA LEU C 86 17.60 -2.70 1.22
C LEU C 86 16.99 -1.52 1.93
N ALA C 87 15.72 -1.24 1.72
CA ALA C 87 15.05 -0.19 2.48
C ALA C 87 14.92 -0.56 3.98
N ARG C 88 14.77 -1.84 4.24
CA ARG C 88 14.65 -2.40 5.59
C ARG C 88 16.05 -2.16 6.26
N LYS C 89 17.11 -2.56 5.57
CA LYS C 89 18.45 -2.46 6.11
C LYS C 89 18.90 -1.02 6.33
N THR C 90 18.56 -0.11 5.42
CA THR C 90 19.08 1.27 5.46
C THR C 90 18.13 2.26 6.10
N ASN C 91 16.88 1.87 6.32
CA ASN C 91 15.86 2.80 6.81
C ASN C 91 15.69 4.08 5.99
N LYS C 92 15.82 3.98 4.67
CA LYS C 92 15.52 5.12 3.78
C LYS C 92 14.76 4.65 2.56
N GLN C 93 14.28 5.60 1.78
CA GLN C 93 13.63 5.33 0.49
C GLN C 93 14.69 4.76 -0.48
N VAL C 94 14.43 3.60 -1.09
CA VAL C 94 15.41 2.94 -1.94
C VAL C 94 14.78 2.66 -3.30
N PHE C 95 15.39 3.22 -4.35
CA PHE C 95 15.09 2.84 -5.73
C PHE C 95 16.04 1.75 -6.14
N VAL C 96 15.55 0.76 -6.88
CA VAL C 96 16.39 -0.25 -7.49
C VAL C 96 16.03 -0.29 -8.96
N SER C 97 17.03 -0.16 -9.82
CA SER C 97 16.87 -0.38 -11.24
C SER C 97 17.72 -1.63 -11.49
N TYR C 98 17.07 -2.73 -11.82
CA TYR C 98 17.74 -4.06 -11.88
C TYR C 98 17.78 -4.44 -13.33
N ASN C 99 18.96 -4.33 -13.95
CA ASN C 99 19.10 -4.52 -15.36
C ASN C 99 19.83 -5.77 -15.75
N LEU C 100 19.54 -6.87 -15.08
CA LEU C 100 20.14 -8.13 -15.41
C LEU C 100 19.07 -9.11 -15.72
N GLN C 101 19.39 -10.05 -16.62
CA GLN C 101 18.67 -11.36 -16.73
C GLN C 101 19.60 -12.56 -16.69
N SER C 105 16.50 -16.54 -8.67
CA SER C 105 16.39 -15.93 -7.35
C SER C 105 17.61 -16.18 -6.48
N ASN C 106 18.36 -17.28 -6.76
CA ASN C 106 19.64 -17.42 -6.11
C ASN C 106 20.66 -16.47 -6.70
N PHE C 107 20.61 -16.20 -7.98
CA PHE C 107 21.48 -15.18 -8.57
C PHE C 107 21.22 -13.83 -7.92
N ALA C 108 19.92 -13.51 -7.70
CA ALA C 108 19.55 -12.25 -7.08
C ALA C 108 20.08 -12.10 -5.67
N LEU C 109 20.12 -13.20 -4.97
CA LEU C 109 20.71 -13.23 -3.62
C LEU C 109 22.21 -12.97 -3.65
N LEU C 110 22.93 -13.56 -4.61
CA LEU C 110 24.34 -13.25 -4.83
C LEU C 110 24.55 -11.74 -5.08
N VAL C 111 23.65 -11.14 -5.86
CA VAL C 111 23.69 -9.70 -6.14
C VAL C 111 23.45 -8.88 -4.87
N GLU C 112 22.41 -9.25 -4.14
CA GLU C 112 22.06 -8.56 -2.91
C GLU C 112 23.20 -8.67 -1.86
N ASN C 113 23.79 -9.86 -1.76
CA ASN C 113 24.94 -10.06 -0.87
C ASN C 113 26.11 -9.17 -1.23
N ARG C 114 26.38 -9.03 -2.52
CA ARG C 114 27.50 -8.17 -2.95
C ARG C 114 27.23 -6.71 -2.60
N ILE C 115 25.98 -6.27 -2.72
CA ILE C 115 25.60 -4.92 -2.33
C ILE C 115 25.80 -4.73 -0.84
N LYS C 116 25.34 -5.69 -0.03
CA LYS C 116 25.51 -5.58 1.40
C LYS C 116 26.96 -5.49 1.80
N GLU C 117 27.82 -6.29 1.16
CA GLU C 117 29.28 -6.18 1.38
C GLU C 117 29.85 -4.79 1.12
N GLU C 118 29.37 -4.16 0.05
CA GLU C 118 29.78 -2.79 -0.28
C GLU C 118 29.26 -1.80 0.75
N MET C 119 28.06 -2.02 1.25
CA MET C 119 27.50 -1.16 2.29
C MET C 119 28.28 -1.24 3.59
N GLU C 120 28.82 -2.42 3.89
CA GLU C 120 29.65 -2.62 5.10
C GLU C 120 31.01 -1.98 4.92
N ALA C 121 31.57 -2.10 3.74
CA ALA C 121 32.87 -1.51 3.45
C ALA C 121 32.80 0.03 3.31
N PHE C 122 31.73 0.56 2.74
CA PHE C 122 31.63 2.02 2.49
C PHE C 122 30.30 2.57 2.92
N PRO C 123 30.01 2.53 4.23
CA PRO C 123 28.69 2.97 4.68
C PRO C 123 28.34 4.41 4.33
N GLU C 124 29.35 5.26 4.20
CA GLU C 124 29.13 6.65 3.87
C GLU C 124 28.65 6.85 2.43
N LYS C 125 28.89 5.87 1.55
CA LYS C 125 28.40 5.94 0.14
C LYS C 125 26.94 5.53 -0.04
N PHE C 126 26.28 5.12 1.03
CA PHE C 126 24.91 4.69 0.99
C PHE C 126 24.08 5.49 2.03
N VAL D 15 23.83 15.49 -3.56
CA VAL D 15 23.98 14.21 -4.34
C VAL D 15 25.41 13.64 -4.32
N SER D 16 25.56 12.38 -3.93
CA SER D 16 26.87 11.70 -3.92
C SER D 16 26.78 10.38 -4.67
N LEU D 17 27.77 10.13 -5.52
CA LEU D 17 27.73 9.04 -6.50
C LEU D 17 28.84 8.05 -6.24
N HIS D 18 28.60 6.79 -6.54
CA HIS D 18 29.60 5.71 -6.33
C HIS D 18 29.29 4.60 -7.30
N ASN D 19 30.31 3.87 -7.70
CA ASN D 19 30.11 2.68 -8.51
C ASN D 19 31.09 1.64 -8.13
N PHE D 20 30.77 0.39 -8.46
CA PHE D 20 31.65 -0.76 -8.17
C PHE D 20 31.23 -1.91 -9.04
N SER D 21 32.10 -2.88 -9.20
CA SER D 21 31.85 -4.05 -9.97
C SER D 21 32.22 -5.33 -9.22
N ALA D 22 31.68 -6.48 -9.64
CA ALA D 22 31.89 -7.75 -8.94
C ALA D 22 31.70 -8.91 -9.89
N ARG D 23 32.46 -9.97 -9.69
CA ARG D 23 32.25 -11.21 -10.49
C ARG D 23 31.26 -12.09 -9.70
N LEU D 24 30.08 -12.31 -10.25
CA LEU D 24 28.98 -13.01 -9.57
C LEU D 24 28.44 -14.06 -10.57
N TRP D 25 28.38 -15.33 -10.13
CA TRP D 25 28.25 -16.46 -11.08
C TRP D 25 29.37 -16.29 -12.10
N GLU D 26 29.12 -16.40 -13.37
CA GLU D 26 30.31 -16.30 -14.26
C GLU D 26 30.36 -14.98 -14.98
N GLN D 27 29.84 -13.93 -14.35
CA GLN D 27 29.60 -12.66 -15.07
C GLN D 27 29.98 -11.46 -14.26
N LEU D 28 30.48 -10.43 -14.96
CA LEU D 28 30.78 -9.18 -14.32
C LEU D 28 29.51 -8.34 -14.11
N VAL D 29 29.19 -8.05 -12.89
CA VAL D 29 28.06 -7.24 -12.55
C VAL D 29 28.53 -5.87 -12.10
N HIS D 30 27.84 -4.85 -12.57
CA HIS D 30 28.19 -3.45 -12.29
C HIS D 30 27.08 -2.78 -11.49
N PHE D 31 27.48 -1.94 -10.56
CA PHE D 31 26.64 -1.24 -9.66
C PHE D 31 26.88 0.24 -9.71
N HIS D 32 25.81 1.04 -9.70
CA HIS D 32 25.90 2.46 -9.51
C HIS D 32 25.02 2.84 -8.34
N VAL D 33 25.45 3.83 -7.59
CA VAL D 33 24.77 4.29 -6.40
C VAL D 33 24.64 5.77 -6.47
N MET D 34 23.47 6.28 -6.11
CA MET D 34 23.28 7.69 -5.88
C MET D 34 22.69 7.81 -4.48
N ARG D 35 23.32 8.64 -3.65
CA ARG D 35 22.84 8.97 -2.31
C ARG D 35 22.36 10.40 -2.34
N LEU D 36 21.07 10.59 -2.08
CA LEU D 36 20.45 11.85 -1.74
C LEU D 36 20.14 11.81 -0.21
N THR D 37 19.65 12.92 0.36
CA THR D 37 19.59 13.01 1.84
C THR D 37 18.62 12.02 2.48
N ASP D 38 17.45 11.85 1.85
CA ASP D 38 16.41 10.93 2.33
C ASP D 38 16.27 9.64 1.48
N SER D 39 17.02 9.52 0.40
CA SER D 39 16.77 8.51 -0.62
C SER D 39 18.08 7.98 -1.21
N LEU D 40 18.03 6.73 -1.64
CA LEU D 40 19.12 6.05 -2.23
C LEU D 40 18.66 5.42 -3.57
N PHE D 41 19.45 5.55 -4.62
CA PHE D 41 19.15 4.93 -5.92
C PHE D 41 20.24 3.91 -6.20
N LEU D 42 19.86 2.65 -6.39
CA LEU D 42 20.75 1.59 -6.73
C LEU D 42 20.44 1.06 -8.11
N TRP D 43 21.47 1.02 -8.95
CA TRP D 43 21.34 0.55 -10.29
C TRP D 43 22.24 -0.65 -10.37
N VAL D 44 21.72 -1.72 -10.95
CA VAL D 44 22.46 -2.92 -11.21
C VAL D 44 22.42 -3.26 -12.65
N GLY D 45 23.57 -3.62 -13.23
CA GLY D 45 23.64 -4.00 -14.60
C GLY D 45 25.01 -4.41 -15.07
N ALA D 46 25.34 -4.18 -16.32
CA ALA D 46 26.62 -4.57 -16.88
C ALA D 46 27.42 -3.30 -17.12
N THR D 47 28.70 -3.49 -17.42
CA THR D 47 29.57 -2.39 -17.83
C THR D 47 30.31 -2.80 -19.08
N PRO D 48 30.39 -1.93 -20.10
CA PRO D 48 29.81 -0.57 -20.13
C PRO D 48 28.26 -0.62 -20.30
N HIS D 49 27.65 0.53 -20.08
CA HIS D 49 26.20 0.66 -20.09
C HIS D 49 25.84 2.06 -20.54
N LEU D 50 24.59 2.22 -20.88
CA LEU D 50 24.05 3.52 -21.19
C LEU D 50 23.92 4.39 -19.95
N ARG D 51 23.99 5.68 -20.14
CA ARG D 51 24.08 6.62 -19.04
C ARG D 51 22.97 7.68 -19.02
N ASN D 52 21.76 7.37 -19.50
CA ASN D 52 20.72 8.43 -19.62
C ASN D 52 19.65 8.46 -18.52
N LEU D 53 20.15 8.65 -17.33
CA LEU D 53 19.40 8.78 -16.12
C LEU D 53 19.87 10.02 -15.38
N ALA D 54 18.95 10.91 -15.01
CA ALA D 54 19.28 12.12 -14.33
C ALA D 54 18.24 12.49 -13.34
N VAL D 55 18.61 13.37 -12.44
CA VAL D 55 17.66 14.00 -11.53
C VAL D 55 17.91 15.48 -11.46
N ALA D 56 16.85 16.25 -11.36
CA ALA D 56 16.93 17.70 -11.24
C ALA D 56 16.13 18.18 -10.02
N MET D 57 16.66 19.18 -9.33
CA MET D 57 15.99 19.80 -8.18
C MET D 57 16.45 21.25 -8.00
N SER D 63 16.88 28.68 -7.30
CA SER D 63 16.14 29.48 -8.32
C SER D 63 15.77 28.67 -9.62
N ILE D 64 16.76 28.33 -10.47
CA ILE D 64 16.57 27.32 -11.45
C ILE D 64 17.04 25.95 -10.97
N PRO D 65 16.33 24.91 -11.43
CA PRO D 65 16.78 23.56 -11.09
C PRO D 65 18.09 23.18 -11.73
N VAL D 66 18.92 22.44 -11.02
CA VAL D 66 20.14 21.91 -11.56
C VAL D 66 19.99 20.38 -11.60
N SER D 67 20.53 19.83 -12.66
CA SER D 67 20.38 18.46 -13.07
C SER D 67 21.66 17.74 -12.83
N THR D 68 21.60 16.52 -12.34
CA THR D 68 22.79 15.68 -12.20
C THR D 68 22.62 14.36 -12.93
N SER D 69 23.62 13.91 -13.64
CA SER D 69 23.67 12.61 -14.28
C SER D 69 23.97 11.54 -13.25
N LEU D 70 23.16 10.52 -13.16
CA LEU D 70 23.34 9.53 -12.10
C LEU D 70 24.26 8.42 -12.47
N LEU D 71 24.48 8.12 -13.74
CA LEU D 71 25.18 6.90 -14.12
C LEU D 71 26.57 7.12 -14.75
N GLY D 72 27.13 8.29 -14.49
CA GLY D 72 28.43 8.68 -14.96
C GLY D 72 28.33 9.86 -15.91
N ASP D 73 29.41 10.63 -15.99
CA ASP D 73 29.38 11.88 -16.76
C ASP D 73 29.09 11.56 -18.22
N THR D 74 28.32 12.40 -18.87
CA THR D 74 27.99 12.18 -20.27
C THR D 74 27.88 13.51 -21.00
N SER D 75 28.16 13.50 -22.29
CA SER D 75 27.94 14.67 -23.14
C SER D 75 26.47 14.77 -23.62
N ASP D 76 25.79 13.63 -23.75
CA ASP D 76 24.34 13.51 -24.00
C ASP D 76 23.52 14.20 -22.88
N THR D 77 22.85 15.26 -23.23
CA THR D 77 22.06 16.01 -22.28
C THR D 77 20.55 15.63 -22.33
N THR D 78 20.15 14.54 -22.95
CA THR D 78 18.69 14.32 -23.14
C THR D 78 17.98 14.22 -21.82
N SER D 79 18.47 13.37 -20.93
CA SER D 79 17.83 13.19 -19.65
C SER D 79 18.08 14.37 -18.73
N THR D 80 19.29 14.89 -18.68
CA THR D 80 19.55 16.08 -17.82
C THR D 80 18.73 17.28 -18.25
N GLY D 81 18.60 17.45 -19.58
CA GLY D 81 17.83 18.55 -20.14
C GLY D 81 16.34 18.43 -19.79
N LEU D 82 15.82 17.26 -20.07
CA LEU D 82 14.42 17.00 -19.76
C LEU D 82 14.12 17.14 -18.30
N ALA D 83 14.95 16.60 -17.43
CA ALA D 83 14.69 16.65 -16.01
C ALA D 83 14.65 18.10 -15.57
N GLN D 84 15.61 18.88 -16.06
CA GLN D 84 15.67 20.29 -15.67
C GLN D 84 14.43 21.06 -16.10
N ARG D 85 13.97 20.85 -17.31
CA ARG D 85 12.80 21.52 -17.84
C ARG D 85 11.52 21.10 -17.08
N LEU D 86 11.40 19.81 -16.76
CA LEU D 86 10.22 19.35 -16.02
C LEU D 86 10.26 19.77 -14.55
N ALA D 87 11.45 19.83 -13.97
CA ALA D 87 11.57 20.32 -12.60
C ALA D 87 11.23 21.83 -12.49
N ARG D 88 11.52 22.56 -13.56
CA ARG D 88 11.21 23.99 -13.69
C ARG D 88 9.70 24.10 -13.68
N LYS D 89 9.04 23.35 -14.56
CA LYS D 89 7.60 23.43 -14.70
C LYS D 89 6.84 23.01 -13.44
N THR D 90 7.29 21.98 -12.76
CA THR D 90 6.53 21.38 -11.64
C THR D 90 6.99 21.85 -10.27
N ASN D 91 8.14 22.50 -10.20
CA ASN D 91 8.71 22.85 -8.89
C ASN D 91 8.91 21.70 -7.91
N LYS D 92 9.27 20.53 -8.41
CA LYS D 92 9.60 19.39 -7.53
C LYS D 92 10.86 18.69 -8.08
N GLN D 93 11.39 17.78 -7.29
CA GLN D 93 12.51 16.92 -7.70
C GLN D 93 12.02 15.97 -8.79
N VAL D 94 12.70 15.93 -9.93
CA VAL D 94 12.27 15.11 -11.07
C VAL D 94 13.40 14.21 -11.52
N PHE D 95 13.18 12.90 -11.54
CA PHE D 95 14.09 11.92 -12.18
C PHE D 95 13.63 11.73 -13.60
N VAL D 96 14.56 11.61 -14.56
CA VAL D 96 14.22 11.22 -15.92
C VAL D 96 15.12 10.05 -16.31
N SER D 97 14.50 8.98 -16.77
CA SER D 97 15.15 7.84 -17.34
C SER D 97 14.76 7.85 -18.80
N TYR D 98 15.72 8.11 -19.68
CA TYR D 98 15.47 8.26 -21.10
C TYR D 98 15.99 7.08 -21.84
N ASN D 99 15.11 6.21 -22.27
CA ASN D 99 15.46 4.94 -22.83
C ASN D 99 15.13 4.82 -24.29
N LEU D 100 15.51 5.81 -25.07
CA LEU D 100 15.39 5.74 -26.50
C LEU D 100 16.73 6.11 -27.09
N GLN D 101 16.99 5.58 -28.27
CA GLN D 101 18.24 5.82 -29.00
C GLN D 101 18.21 7.22 -29.57
N ASN D 102 17.03 7.65 -30.04
CA ASN D 102 16.89 8.90 -30.71
C ASN D 102 17.04 10.04 -29.72
N THR D 103 18.18 10.71 -29.79
CA THR D 103 18.50 11.85 -28.94
C THR D 103 18.55 13.16 -29.74
N ASP D 104 17.97 13.16 -30.96
CA ASP D 104 17.93 14.37 -31.80
C ASP D 104 17.20 15.45 -30.98
N SER D 105 17.74 16.66 -30.94
CA SER D 105 17.15 17.69 -30.06
C SER D 105 15.74 18.10 -30.48
N ASN D 106 15.40 17.98 -31.74
CA ASN D 106 14.03 18.25 -32.16
C ASN D 106 13.05 17.17 -31.68
N PHE D 107 13.50 15.93 -31.78
CA PHE D 107 12.69 14.81 -31.26
C PHE D 107 12.53 14.97 -29.78
N ALA D 108 13.59 15.37 -29.07
CA ALA D 108 13.54 15.51 -27.62
C ALA D 108 12.53 16.58 -27.18
N LEU D 109 12.43 17.62 -27.99
CA LEU D 109 11.43 18.65 -27.71
C LEU D 109 10.00 18.12 -27.92
N LEU D 110 9.77 17.33 -28.96
CA LEU D 110 8.50 16.64 -29.16
C LEU D 110 8.15 15.78 -27.94
N VAL D 111 9.13 15.07 -27.38
CA VAL D 111 8.95 14.24 -26.16
C VAL D 111 8.58 15.12 -24.98
N GLU D 112 9.36 16.19 -24.78
CA GLU D 112 9.09 17.09 -23.68
C GLU D 112 7.67 17.74 -23.79
N ASN D 113 7.31 18.15 -25.00
CA ASN D 113 6.00 18.72 -25.27
C ASN D 113 4.88 17.74 -24.94
N ARG D 114 5.06 16.48 -25.31
CA ARG D 114 4.03 15.46 -25.00
C ARG D 114 3.85 15.27 -23.53
N ILE D 115 4.95 15.28 -22.78
CA ILE D 115 4.87 15.18 -21.32
C ILE D 115 4.14 16.38 -20.73
N LYS D 116 4.49 17.57 -21.18
CA LYS D 116 3.85 18.76 -20.66
C LYS D 116 2.37 18.78 -20.97
N GLU D 117 1.95 18.34 -22.17
CA GLU D 117 0.54 18.18 -22.49
C GLU D 117 -0.20 17.26 -21.53
N GLU D 118 0.44 16.17 -21.13
CA GLU D 118 -0.15 15.26 -20.16
C GLU D 118 -0.25 15.92 -18.79
N MET D 119 0.73 16.72 -18.43
CA MET D 119 0.71 17.42 -17.16
C MET D 119 -0.43 18.45 -17.07
N GLU D 120 -0.73 19.06 -18.21
CA GLU D 120 -1.82 20.06 -18.30
C GLU D 120 -3.18 19.34 -18.26
N ALA D 121 -3.27 18.21 -18.92
CA ALA D 121 -4.50 17.44 -18.94
C ALA D 121 -4.77 16.72 -17.63
N PHE D 122 -3.74 16.23 -16.94
CA PHE D 122 -3.92 15.47 -15.71
C PHE D 122 -3.01 15.91 -14.60
N PRO D 123 -3.19 17.16 -14.12
CA PRO D 123 -2.25 17.67 -13.13
C PRO D 123 -2.17 16.88 -11.87
N GLU D 124 -3.23 16.17 -11.51
CA GLU D 124 -3.17 15.41 -10.26
C GLU D 124 -2.27 14.17 -10.37
N LYS D 125 -1.98 13.73 -11.58
CA LYS D 125 -1.04 12.57 -11.80
C LYS D 125 0.45 12.95 -11.72
N PHE D 126 0.75 14.22 -11.56
CA PHE D 126 2.11 14.71 -11.51
C PHE D 126 2.37 15.55 -10.27
NI NI E . -16.70 -18.88 8.50
CL CL F . -23.20 -26.35 19.04
NI NI G . -24.40 3.24 18.52
CL CL H . -23.05 -0.74 30.46
CL CL I . -34.18 11.92 17.15
NI NI J . 4.27 0.28 -19.67
CL CL K . 5.39 -8.80 -16.09
NI NI L . 29.13 2.78 -14.80
#